data_7WNT
#
_entry.id   7WNT
#
_cell.length_a   128.520
_cell.length_b   128.520
_cell.length_c   184.276
_cell.angle_alpha   90.000
_cell.angle_beta   90.000
_cell.angle_gamma   120.000
#
_symmetry.space_group_name_H-M   'P 64 2 2'
#
loop_
_entity.id
_entity.type
_entity.pdbx_description
1 polymer 'Ribonuclease J'
2 non-polymer 'ZINC ION'
3 water water
#
_entity_poly.entity_id   1
_entity_poly.type   'polypeptide(L)'
_entity_poly.pdbx_seq_one_letter_code
;MDVDLPPPGPLTSGGLRVTALGGINEIGRNMTVFEHLGRLLIIDCGVLFPGHDEPGVDLILPDMRHVEDRLDDIEALVLT
HGHEDHIGAIPFLLKLRPDIPVVGSKFTLALVAEKCREYRITPVFVEVREGQSTRHGVFECEYFAVNHSTPDALAIAVYT
GAGTILHTGDIKFDQLPPDGRPTDLPGMSRLGDTGVDLLLCDSTNAEIPGVGPSESEVGPTLHRLIRGADGRVIVACFAS
NVDRVQQIIDAAVALGRRVSFVGRSMVRNMRVARQLGFLRVADSDLIDIAAAETMAPDQVVLITTGTQGEPMSALSRMSR
GEHRSITLTAGDLIVLSSSLIPGNEEAVFGVIDALSKIGARVVTNAQARVHVSGHAYAGELLFLYNGVRPRNVMPVHGTW
RMLRANAKLAASTGVPQESILLAENGVSVDLVAGKASISGAVPVGKMFVDGLIAGDVGDITLGERLILSSGFVAVTVVVR
RGTGQPLAAPHLHSRGFSEDPKALEPAVRKVEAELESLVAANVTDPIRIAQGVRRTVGKWVGETYRRQPMIVPTVIEV
;
_entity_poly.pdbx_strand_id   A
#
# COMPACT_ATOMS: atom_id res chain seq x y z
N LEU A 5 12.53 -11.39 23.62
CA LEU A 5 11.70 -12.58 23.61
C LEU A 5 12.26 -13.73 22.74
N PRO A 6 12.18 -14.96 23.24
CA PRO A 6 12.88 -16.08 22.60
C PRO A 6 12.14 -16.57 21.37
N PRO A 7 12.81 -17.38 20.53
CA PRO A 7 12.11 -17.99 19.40
C PRO A 7 11.15 -19.05 19.89
N PRO A 8 10.10 -19.37 19.12
CA PRO A 8 9.16 -20.39 19.57
C PRO A 8 9.77 -21.76 19.42
N GLY A 9 9.27 -22.70 20.20
CA GLY A 9 9.66 -24.08 20.07
C GLY A 9 8.93 -24.73 18.92
N PRO A 10 9.03 -26.05 18.82
CA PRO A 10 8.23 -26.77 17.82
C PRO A 10 6.74 -26.55 18.07
N LEU A 11 5.96 -26.58 17.00
CA LEU A 11 4.52 -26.42 17.10
C LEU A 11 3.89 -27.78 17.38
N THR A 12 3.29 -27.91 18.55
CA THR A 12 2.58 -29.10 18.97
C THR A 12 1.72 -29.66 17.86
N SER A 13 1.95 -30.92 17.53
CA SER A 13 1.22 -31.56 16.43
C SER A 13 -0.27 -31.36 16.62
N GLY A 14 -0.96 -31.09 15.51
CA GLY A 14 -2.38 -30.80 15.54
C GLY A 14 -2.74 -29.34 15.81
N GLY A 15 -1.81 -28.56 16.37
CA GLY A 15 -2.03 -27.15 16.55
C GLY A 15 -1.79 -26.35 15.28
N LEU A 16 -1.86 -25.02 15.43
CA LEU A 16 -1.65 -24.10 14.33
C LEU A 16 -0.87 -22.91 14.84
N ARG A 17 0.06 -22.43 14.01
CA ARG A 17 0.90 -21.28 14.33
C ARG A 17 0.63 -20.18 13.31
N VAL A 18 0.51 -18.93 13.79
CA VAL A 18 0.24 -17.76 12.95
C VAL A 18 1.38 -16.77 13.14
N THR A 19 1.93 -16.27 12.03
CA THR A 19 3.02 -15.30 12.07
C THR A 19 2.92 -14.35 10.90
N ALA A 20 3.17 -13.07 11.16
CA ALA A 20 3.22 -12.07 10.10
C ALA A 20 4.67 -11.82 9.72
N LEU A 21 4.93 -11.80 8.42
CA LEU A 21 6.24 -11.36 7.94
C LEU A 21 6.21 -9.91 7.48
N GLY A 22 5.09 -9.24 7.73
CA GLY A 22 4.93 -7.82 7.42
C GLY A 22 3.50 -7.39 7.61
N GLY A 23 3.28 -6.12 7.87
CA GLY A 23 1.92 -5.60 8.00
C GLY A 23 1.46 -5.38 9.42
N ILE A 24 2.16 -5.87 10.43
CA ILE A 24 1.56 -5.66 11.76
C ILE A 24 1.99 -4.38 12.48
N ASN A 25 3.26 -4.07 12.64
CA ASN A 25 3.55 -2.72 13.22
C ASN A 25 3.59 -1.58 12.19
N GLU A 26 2.96 -1.69 11.03
CA GLU A 26 3.02 -0.65 9.98
C GLU A 26 1.85 -0.82 9.01
N ILE A 27 1.69 0.11 8.08
CA ILE A 27 0.66 -0.06 7.05
C ILE A 27 1.37 -0.41 5.75
N GLY A 28 1.30 -1.66 5.33
CA GLY A 28 1.98 -2.10 4.13
C GLY A 28 2.60 -3.48 4.23
N ARG A 29 2.98 -4.05 3.09
CA ARG A 29 3.62 -5.38 2.96
C ARG A 29 3.00 -6.44 3.88
N ASN A 30 1.67 -6.53 3.84
CA ASN A 30 0.99 -7.56 4.59
C ASN A 30 1.35 -8.94 4.06
N MET A 31 1.75 -9.81 4.96
CA MET A 31 1.98 -11.21 4.65
C MET A 31 1.81 -12.03 5.92
N THR A 32 0.91 -13.01 5.87
CA THR A 32 0.61 -13.81 7.05
C THR A 32 0.74 -15.28 6.74
N VAL A 33 1.56 -15.97 7.53
CA VAL A 33 1.88 -17.39 7.36
C VAL A 33 1.16 -18.19 8.43
N PHE A 34 0.41 -19.21 8.00
CA PHE A 34 -0.23 -20.18 8.87
C PHE A 34 0.48 -21.53 8.75
N GLU A 35 0.95 -22.07 9.87
CA GLU A 35 1.60 -23.39 9.89
C GLU A 35 0.70 -24.42 10.56
N HIS A 36 0.59 -25.59 9.93
CA HIS A 36 -0.23 -26.68 10.45
C HIS A 36 0.31 -28.00 9.95
N LEU A 37 0.73 -28.88 10.86
CA LEU A 37 1.22 -30.21 10.52
C LEU A 37 2.29 -30.15 9.44
N GLY A 38 3.28 -29.29 9.66
CA GLY A 38 4.39 -29.16 8.74
C GLY A 38 4.13 -28.39 7.48
N ARG A 39 2.86 -28.15 7.12
CA ARG A 39 2.53 -27.44 5.90
C ARG A 39 2.31 -25.96 6.17
N LEU A 40 2.23 -25.18 5.09
CA LEU A 40 2.13 -23.73 5.18
C LEU A 40 1.01 -23.23 4.30
N LEU A 41 0.31 -22.19 4.78
CA LEU A 41 -0.62 -21.42 3.97
C LEU A 41 -0.26 -19.95 4.17
N ILE A 42 -0.17 -19.22 3.08
CA ILE A 42 0.12 -17.78 3.13
C ILE A 42 -1.12 -17.01 2.71
N ILE A 43 -1.44 -15.98 3.46
CA ILE A 43 -2.58 -15.09 3.10
C ILE A 43 -1.99 -13.72 2.82
N ASP A 44 -2.02 -13.28 1.56
CA ASP A 44 -1.55 -11.97 1.07
C ASP A 44 -0.02 -11.87 0.92
N CYS A 45 0.45 -11.03 0.01
CA CYS A 45 1.91 -10.87 -0.18
C CYS A 45 2.14 -9.47 -0.76
N GLY A 46 2.13 -8.45 0.06
CA GLY A 46 2.20 -7.09 -0.46
C GLY A 46 3.56 -6.43 -0.30
N VAL A 47 3.69 -5.25 -0.89
CA VAL A 47 4.89 -4.46 -0.76
C VAL A 47 4.62 -3.28 0.16
N LEU A 48 5.68 -2.64 0.60
CA LEU A 48 5.63 -1.40 1.35
C LEU A 48 6.40 -0.36 0.58
N PHE A 49 5.86 0.80 0.46
CA PHE A 49 6.65 1.77 -0.27
C PHE A 49 7.57 2.56 0.66
N PRO A 50 8.75 2.96 0.16
CA PRO A 50 9.79 3.48 1.04
C PRO A 50 9.58 4.92 1.48
N GLY A 51 10.16 5.25 2.63
CA GLY A 51 10.10 6.57 3.21
C GLY A 51 11.43 7.31 3.17
N HIS A 52 11.51 8.39 3.96
CA HIS A 52 12.72 9.22 4.00
C HIS A 52 13.91 8.43 4.53
N ASP A 53 13.69 7.45 5.41
CA ASP A 53 14.77 6.62 5.93
C ASP A 53 15.37 5.70 4.87
N GLU A 54 14.73 5.56 3.71
CA GLU A 54 15.16 4.59 2.71
C GLU A 54 15.31 5.24 1.34
N PRO A 55 16.25 6.17 1.21
CA PRO A 55 16.47 6.82 -0.09
C PRO A 55 16.97 5.81 -1.13
N GLY A 56 16.63 6.08 -2.39
CA GLY A 56 17.11 5.29 -3.51
C GLY A 56 16.49 3.92 -3.67
N VAL A 57 15.73 3.47 -2.69
CA VAL A 57 15.11 2.14 -2.70
C VAL A 57 13.78 2.20 -3.45
N ASP A 58 13.43 1.10 -4.12
CA ASP A 58 12.20 1.01 -4.91
C ASP A 58 11.03 0.42 -4.13
N LEU A 59 11.23 -0.74 -3.51
CA LEU A 59 10.18 -1.44 -2.78
C LEU A 59 10.77 -1.98 -1.49
N ILE A 60 9.89 -2.32 -0.56
CA ILE A 60 10.23 -3.03 0.66
C ILE A 60 9.32 -4.25 0.73
N LEU A 61 9.91 -5.40 0.95
CA LEU A 61 9.17 -6.64 0.91
C LEU A 61 8.97 -7.20 2.30
N PRO A 62 8.00 -8.07 2.49
CA PRO A 62 7.95 -8.86 3.73
C PRO A 62 9.20 -9.73 3.79
N ASP A 63 9.57 -10.11 5.01
CA ASP A 63 10.83 -10.84 5.25
C ASP A 63 10.64 -12.30 4.84
N MET A 64 10.99 -12.62 3.60
CA MET A 64 10.75 -13.96 3.05
C MET A 64 11.81 -14.98 3.44
N ARG A 65 12.89 -14.57 4.12
CA ARG A 65 13.87 -15.54 4.59
C ARG A 65 13.19 -16.67 5.37
N HIS A 66 12.09 -16.36 6.06
CA HIS A 66 11.41 -17.31 6.92
C HIS A 66 10.61 -18.35 6.17
N VAL A 67 10.44 -18.22 4.85
CA VAL A 67 9.92 -19.31 4.04
C VAL A 67 10.91 -19.80 2.97
N GLU A 68 12.04 -19.11 2.78
CA GLU A 68 12.96 -19.44 1.69
C GLU A 68 13.44 -20.88 1.72
N ASP A 69 13.55 -21.48 2.90
CA ASP A 69 14.08 -22.82 3.04
C ASP A 69 13.01 -23.88 3.16
N ARG A 70 11.75 -23.51 3.14
CA ARG A 70 10.69 -24.50 3.21
C ARG A 70 9.65 -24.28 2.11
N LEU A 71 10.08 -23.72 0.97
CA LEU A 71 9.14 -23.36 -0.09
C LEU A 71 8.32 -24.56 -0.54
N ASP A 72 8.86 -25.77 -0.36
CA ASP A 72 8.15 -26.99 -0.69
C ASP A 72 6.91 -27.19 0.18
N ASP A 73 6.89 -26.59 1.37
CA ASP A 73 5.78 -26.79 2.30
C ASP A 73 4.57 -25.93 1.97
N ILE A 74 4.76 -24.81 1.27
CA ILE A 74 3.65 -23.90 1.00
C ILE A 74 2.59 -24.61 0.17
N GLU A 75 1.38 -24.74 0.73
CA GLU A 75 0.28 -25.34 -0.01
C GLU A 75 -0.36 -24.35 -0.97
N ALA A 76 -0.43 -23.07 -0.61
CA ALA A 76 -1.09 -22.08 -1.46
C ALA A 76 -0.85 -20.68 -0.92
N LEU A 77 -0.94 -19.72 -1.82
CA LEU A 77 -1.03 -18.31 -1.48
C LEU A 77 -2.44 -17.85 -1.77
N VAL A 78 -3.09 -17.29 -0.74
CA VAL A 78 -4.50 -16.89 -0.81
C VAL A 78 -4.58 -15.38 -0.62
N LEU A 79 -5.44 -14.74 -1.41
CA LEU A 79 -5.37 -13.29 -1.59
C LEU A 79 -6.73 -12.66 -1.35
N THR A 80 -6.77 -11.63 -0.49
CA THR A 80 -8.04 -11.03 -0.14
C THR A 80 -8.53 -10.12 -1.25
N HIS A 81 -7.63 -9.36 -1.85
CA HIS A 81 -8.00 -8.33 -2.81
C HIS A 81 -6.71 -7.80 -3.43
N GLY A 82 -6.85 -6.86 -4.37
CA GLY A 82 -5.77 -6.59 -5.31
C GLY A 82 -4.93 -5.34 -5.10
N HIS A 83 -5.03 -4.67 -3.95
CA HIS A 83 -4.21 -3.49 -3.65
C HIS A 83 -2.75 -3.89 -3.49
N GLU A 84 -1.84 -2.96 -3.81
CA GLU A 84 -0.42 -3.31 -3.88
C GLU A 84 0.11 -3.79 -2.54
N ASP A 85 -0.43 -3.30 -1.43
CA ASP A 85 0.10 -3.75 -0.16
C ASP A 85 -0.40 -5.13 0.21
N HIS A 86 -1.12 -5.80 -0.70
CA HIS A 86 -1.53 -7.19 -0.55
C HIS A 86 -1.04 -8.12 -1.66
N ILE A 87 -0.66 -7.60 -2.84
CA ILE A 87 -0.24 -8.44 -3.96
C ILE A 87 1.09 -8.01 -4.55
N GLY A 88 1.69 -6.92 -4.07
CA GLY A 88 2.81 -6.32 -4.78
C GLY A 88 4.06 -7.16 -4.75
N ALA A 89 4.21 -8.02 -3.75
CA ALA A 89 5.44 -8.80 -3.59
C ALA A 89 5.30 -10.22 -4.11
N ILE A 90 4.14 -10.57 -4.68
CA ILE A 90 3.93 -11.90 -5.26
C ILE A 90 5.00 -12.29 -6.29
N PRO A 91 5.44 -11.38 -7.19
CA PRO A 91 6.50 -11.77 -8.14
C PRO A 91 7.77 -12.25 -7.45
N PHE A 92 8.10 -11.70 -6.30
CA PHE A 92 9.34 -12.10 -5.65
C PHE A 92 9.17 -13.44 -4.95
N LEU A 93 7.98 -13.74 -4.47
CA LEU A 93 7.72 -15.05 -3.89
C LEU A 93 7.73 -16.13 -4.98
N LEU A 94 7.01 -15.89 -6.08
CA LEU A 94 7.00 -16.84 -7.19
C LEU A 94 8.35 -16.97 -7.88
N LYS A 95 9.23 -15.96 -7.81
CA LYS A 95 10.57 -16.17 -8.31
C LYS A 95 11.30 -17.24 -7.50
N LEU A 96 10.96 -17.39 -6.21
CA LEU A 96 11.56 -18.44 -5.39
C LEU A 96 10.96 -19.82 -5.69
N ARG A 97 9.70 -19.87 -6.05
CA ARG A 97 9.03 -21.13 -6.42
C ARG A 97 7.86 -20.78 -7.33
N PRO A 98 8.00 -20.97 -8.65
CA PRO A 98 7.02 -20.40 -9.61
C PRO A 98 5.68 -21.11 -9.65
N ASP A 99 5.51 -22.26 -9.02
CA ASP A 99 4.27 -22.99 -9.22
C ASP A 99 3.39 -23.04 -7.97
N ILE A 100 3.64 -22.16 -6.99
CA ILE A 100 2.76 -22.00 -5.83
C ILE A 100 1.37 -21.64 -6.31
N PRO A 101 0.35 -22.45 -6.05
CA PRO A 101 -1.03 -22.05 -6.36
C PRO A 101 -1.35 -20.69 -5.76
N VAL A 102 -2.00 -19.85 -6.57
CA VAL A 102 -2.35 -18.49 -6.17
C VAL A 102 -3.85 -18.37 -6.31
N VAL A 103 -4.52 -18.09 -5.17
CA VAL A 103 -5.96 -18.18 -5.02
C VAL A 103 -6.55 -16.79 -4.84
N GLY A 104 -7.66 -16.54 -5.50
CA GLY A 104 -8.18 -15.20 -5.43
C GLY A 104 -9.37 -15.08 -6.32
N SER A 105 -10.03 -13.93 -6.22
CA SER A 105 -11.14 -13.62 -7.08
C SER A 105 -10.65 -13.19 -8.46
N LYS A 106 -11.58 -13.26 -9.42
CA LYS A 106 -11.30 -12.92 -10.82
C LYS A 106 -10.64 -11.54 -10.96
N PHE A 107 -11.15 -10.52 -10.29
CA PHE A 107 -10.53 -9.21 -10.47
C PHE A 107 -9.15 -9.18 -9.81
N THR A 108 -9.01 -9.82 -8.67
CA THR A 108 -7.70 -9.87 -8.03
C THR A 108 -6.68 -10.56 -8.93
N LEU A 109 -7.06 -11.72 -9.47
CA LEU A 109 -6.10 -12.50 -10.24
C LEU A 109 -5.72 -11.79 -11.54
N ALA A 110 -6.63 -10.96 -12.07
CA ALA A 110 -6.28 -10.17 -13.24
C ALA A 110 -5.17 -9.19 -12.91
N LEU A 111 -5.19 -8.60 -11.72
CA LEU A 111 -4.13 -7.65 -11.41
C LEU A 111 -2.80 -8.33 -11.17
N VAL A 112 -2.79 -9.54 -10.60
CA VAL A 112 -1.47 -10.14 -10.34
C VAL A 112 -0.91 -10.73 -11.62
N ALA A 113 -1.76 -11.23 -12.51
CA ALA A 113 -1.34 -11.58 -13.86
C ALA A 113 -0.61 -10.43 -14.53
N GLU A 114 -1.20 -9.24 -14.53
CA GLU A 114 -0.51 -8.09 -15.12
C GLU A 114 0.75 -7.75 -14.34
N LYS A 115 0.71 -7.86 -13.01
CA LYS A 115 1.93 -7.54 -12.26
C LYS A 115 3.01 -8.58 -12.51
N CYS A 116 2.63 -9.86 -12.63
CA CYS A 116 3.62 -10.91 -12.76
C CYS A 116 4.22 -10.99 -14.16
N ARG A 117 3.51 -10.46 -15.16
CA ARG A 117 4.07 -10.37 -16.50
C ARG A 117 5.28 -9.43 -16.54
N GLU A 118 5.28 -8.36 -15.74
CA GLU A 118 6.44 -7.47 -15.67
C GLU A 118 7.70 -8.19 -15.25
N TYR A 119 7.56 -9.30 -14.52
CA TYR A 119 8.70 -10.06 -14.07
C TYR A 119 8.81 -11.38 -14.80
N ARG A 120 8.07 -11.53 -15.91
CA ARG A 120 8.13 -12.72 -16.75
C ARG A 120 7.73 -13.97 -15.98
N ILE A 121 6.59 -13.88 -15.28
CA ILE A 121 6.07 -14.99 -14.51
C ILE A 121 4.65 -15.27 -14.96
N THR A 122 4.30 -16.54 -15.01
CA THR A 122 2.95 -17.01 -15.33
C THR A 122 2.44 -17.80 -14.14
N PRO A 123 1.56 -17.23 -13.33
CA PRO A 123 1.13 -17.91 -12.11
C PRO A 123 0.18 -19.06 -12.39
N VAL A 124 0.22 -20.04 -11.50
CA VAL A 124 -0.81 -21.07 -11.43
C VAL A 124 -2.00 -20.52 -10.63
N PHE A 125 -3.10 -20.24 -11.31
CA PHE A 125 -4.26 -19.60 -10.72
C PHE A 125 -5.32 -20.61 -10.31
N VAL A 126 -5.94 -20.38 -9.15
CA VAL A 126 -7.18 -21.04 -8.79
C VAL A 126 -8.14 -19.93 -8.40
N GLU A 127 -9.16 -19.75 -9.24
CA GLU A 127 -10.07 -18.63 -9.19
C GLU A 127 -11.27 -19.01 -8.32
N VAL A 128 -11.75 -18.05 -7.55
CA VAL A 128 -12.60 -18.31 -6.40
C VAL A 128 -13.61 -17.18 -6.26
N ARG A 129 -14.81 -17.52 -5.79
CA ARG A 129 -15.85 -16.52 -5.56
C ARG A 129 -16.47 -16.72 -4.18
N GLU A 130 -17.16 -15.69 -3.68
CA GLU A 130 -17.82 -15.77 -2.38
C GLU A 130 -18.78 -16.95 -2.35
N GLY A 131 -18.89 -17.57 -1.17
CA GLY A 131 -19.73 -18.73 -0.98
C GLY A 131 -19.04 -20.06 -1.28
N GLN A 132 -17.92 -20.03 -1.99
CA GLN A 132 -17.23 -21.22 -2.43
C GLN A 132 -16.23 -21.68 -1.38
N SER A 133 -15.99 -22.98 -1.35
CA SER A 133 -14.93 -23.56 -0.56
C SER A 133 -13.91 -24.23 -1.47
N THR A 134 -12.65 -24.25 -1.01
CA THR A 134 -11.57 -24.94 -1.70
C THR A 134 -10.70 -25.60 -0.64
N ARG A 135 -10.07 -26.71 -1.02
CA ARG A 135 -9.16 -27.43 -0.14
C ARG A 135 -7.74 -27.29 -0.67
N HIS A 136 -6.78 -27.15 0.25
CA HIS A 136 -5.39 -26.92 -0.09
C HIS A 136 -4.53 -27.71 0.90
N GLY A 137 -4.57 -29.04 0.75
CA GLY A 137 -3.85 -29.95 1.63
C GLY A 137 -4.55 -30.11 2.97
N VAL A 138 -3.79 -29.82 4.03
CA VAL A 138 -4.34 -29.84 5.39
C VAL A 138 -5.26 -28.66 5.67
N PHE A 139 -5.30 -27.67 4.78
CA PHE A 139 -6.10 -26.47 4.95
C PHE A 139 -7.36 -26.54 4.10
N GLU A 140 -8.45 -26.00 4.63
CA GLU A 140 -9.65 -25.75 3.85
C GLU A 140 -10.01 -24.29 4.00
N CYS A 141 -10.54 -23.70 2.93
CA CYS A 141 -10.82 -22.27 2.89
C CYS A 141 -12.25 -22.04 2.41
N GLU A 142 -12.89 -21.05 3.01
CA GLU A 142 -14.19 -20.57 2.55
C GLU A 142 -14.13 -19.05 2.45
N TYR A 143 -14.81 -18.52 1.44
CA TYR A 143 -14.67 -17.14 1.03
C TYR A 143 -15.98 -16.40 1.24
N PHE A 144 -15.87 -15.19 1.80
CA PHE A 144 -17.01 -14.34 2.13
C PHE A 144 -16.88 -12.99 1.43
N ALA A 145 -17.98 -12.53 0.83
CA ALA A 145 -17.96 -11.25 0.12
C ALA A 145 -17.55 -10.12 1.06
N VAL A 146 -16.64 -9.26 0.61
CA VAL A 146 -16.27 -8.04 1.33
C VAL A 146 -16.47 -6.84 0.42
N ASN A 147 -17.04 -5.76 0.96
CA ASN A 147 -17.10 -4.47 0.27
C ASN A 147 -16.02 -3.54 0.80
N HIS A 148 -15.26 -2.98 -0.12
CA HIS A 148 -14.02 -2.28 0.17
C HIS A 148 -13.87 -1.29 -0.98
N SER A 149 -12.77 -0.56 -1.01
CA SER A 149 -12.57 0.44 -2.04
C SER A 149 -12.09 -0.14 -3.34
N THR A 150 -12.22 -1.45 -3.53
CA THR A 150 -11.82 -2.06 -4.79
C THR A 150 -12.70 -3.29 -4.99
N PRO A 151 -13.07 -3.61 -6.22
CA PRO A 151 -14.03 -4.72 -6.45
C PRO A 151 -13.44 -6.07 -6.05
N ASP A 152 -14.35 -7.01 -5.77
CA ASP A 152 -14.03 -8.43 -5.60
C ASP A 152 -13.14 -8.70 -4.39
N ALA A 153 -13.23 -7.92 -3.32
CA ALA A 153 -12.53 -8.29 -2.09
C ALA A 153 -13.20 -9.52 -1.46
N LEU A 154 -12.39 -10.30 -0.74
CA LEU A 154 -12.90 -11.52 -0.12
C LEU A 154 -12.30 -11.67 1.27
N ALA A 155 -13.11 -12.08 2.23
CA ALA A 155 -12.61 -12.49 3.53
C ALA A 155 -12.55 -14.00 3.59
N ILE A 156 -11.64 -14.52 4.40
CA ILE A 156 -11.22 -15.91 4.28
C ILE A 156 -11.35 -16.63 5.62
N ALA A 157 -12.13 -17.71 5.64
CA ALA A 157 -12.11 -18.64 6.77
C ALA A 157 -11.18 -19.80 6.45
N VAL A 158 -10.25 -20.07 7.35
CA VAL A 158 -9.36 -21.21 7.23
C VAL A 158 -9.76 -22.23 8.29
N TYR A 159 -10.19 -23.41 7.86
CA TYR A 159 -10.45 -24.54 8.75
C TYR A 159 -9.27 -25.51 8.71
N THR A 160 -8.63 -25.72 9.87
CA THR A 160 -7.76 -26.86 10.10
C THR A 160 -8.33 -27.68 11.25
N GLY A 161 -7.54 -28.65 11.71
CA GLY A 161 -7.91 -29.42 12.88
C GLY A 161 -7.79 -28.65 14.18
N ALA A 162 -7.05 -27.54 14.17
CA ALA A 162 -6.89 -26.71 15.37
C ALA A 162 -8.07 -25.77 15.59
N GLY A 163 -9.04 -25.73 14.67
CA GLY A 163 -10.18 -24.85 14.82
C GLY A 163 -10.39 -24.01 13.58
N THR A 164 -11.09 -22.90 13.77
CA THR A 164 -11.54 -22.05 12.68
C THR A 164 -10.90 -20.69 12.81
N ILE A 165 -10.28 -20.23 11.72
CA ILE A 165 -9.73 -18.88 11.65
C ILE A 165 -10.56 -18.06 10.69
N LEU A 166 -10.66 -16.77 10.98
CA LEU A 166 -11.31 -15.84 10.06
C LEU A 166 -10.39 -14.66 9.87
N HIS A 167 -10.04 -14.39 8.61
CA HIS A 167 -9.21 -13.25 8.22
C HIS A 167 -10.08 -12.27 7.45
N THR A 168 -10.16 -11.03 7.91
CA THR A 168 -11.10 -10.11 7.30
C THR A 168 -10.62 -9.53 5.98
N GLY A 169 -9.32 -9.56 5.71
CA GLY A 169 -8.92 -8.65 4.66
C GLY A 169 -9.10 -7.20 5.10
N ASP A 170 -9.13 -6.30 4.13
CA ASP A 170 -9.45 -4.89 4.40
C ASP A 170 -10.97 -4.77 4.35
N ILE A 171 -11.58 -4.47 5.47
CA ILE A 171 -13.02 -4.64 5.56
C ILE A 171 -13.69 -3.31 5.92
N LYS A 172 -14.89 -3.13 5.40
CA LYS A 172 -15.72 -1.98 5.66
C LYS A 172 -17.17 -2.45 5.64
N PHE A 173 -18.09 -1.67 6.22
CA PHE A 173 -19.48 -2.13 6.40
C PHE A 173 -20.49 -1.12 5.89
N ASP A 174 -20.17 -0.46 4.78
CA ASP A 174 -21.11 0.31 3.98
C ASP A 174 -22.36 -0.50 3.69
N GLN A 175 -23.50 0.01 4.11
CA GLN A 175 -24.74 -0.70 3.85
C GLN A 175 -25.38 -0.31 2.53
N LEU A 176 -24.90 0.75 1.88
CA LEU A 176 -25.40 1.16 0.56
C LEU A 176 -24.25 1.43 -0.41
N PRO A 177 -23.39 0.43 -0.66
CA PRO A 177 -22.35 0.61 -1.68
C PRO A 177 -22.99 0.77 -3.05
N PRO A 178 -22.47 1.66 -3.90
CA PRO A 178 -23.07 1.82 -5.24
C PRO A 178 -23.27 0.51 -5.98
N ASP A 179 -22.40 -0.48 -5.77
CA ASP A 179 -22.54 -1.74 -6.48
C ASP A 179 -23.58 -2.68 -5.87
N GLY A 180 -24.27 -2.28 -4.80
CA GLY A 180 -25.31 -3.10 -4.19
C GLY A 180 -24.87 -4.42 -3.59
N ARG A 181 -23.57 -4.63 -3.37
CA ARG A 181 -23.05 -5.86 -2.77
C ARG A 181 -22.36 -5.49 -1.47
N PRO A 182 -23.10 -5.38 -0.37
CA PRO A 182 -22.48 -5.06 0.93
C PRO A 182 -21.76 -6.27 1.49
N THR A 183 -20.81 -5.99 2.38
CA THR A 183 -20.10 -7.06 3.07
C THR A 183 -21.07 -8.09 3.67
N ASP A 184 -20.69 -9.36 3.62
CA ASP A 184 -21.62 -10.44 4.02
C ASP A 184 -21.57 -10.66 5.55
N LEU A 185 -22.02 -9.63 6.27
CA LEU A 185 -22.15 -9.75 7.73
C LEU A 185 -23.08 -10.90 8.13
N PRO A 186 -24.23 -11.14 7.46
CA PRO A 186 -24.98 -12.37 7.73
C PRO A 186 -24.13 -13.62 7.69
N GLY A 187 -23.45 -13.87 6.56
CA GLY A 187 -22.67 -15.09 6.41
C GLY A 187 -21.61 -15.26 7.46
N MET A 188 -20.97 -14.16 7.86
CA MET A 188 -19.94 -14.24 8.90
C MET A 188 -20.55 -14.40 10.28
N SER A 189 -21.77 -13.92 10.46
CA SER A 189 -22.49 -14.17 11.70
C SER A 189 -22.81 -15.64 11.85
N ARG A 190 -23.34 -16.26 10.78
CA ARG A 190 -23.59 -17.70 10.82
C ARG A 190 -22.31 -18.49 11.08
N LEU A 191 -21.18 -18.02 10.54
CA LEU A 191 -19.90 -18.67 10.83
C LEU A 191 -19.49 -18.46 12.29
N GLY A 192 -19.86 -17.33 12.88
CA GLY A 192 -19.62 -17.13 14.29
C GLY A 192 -20.36 -18.10 15.18
N ASP A 193 -21.61 -18.44 14.80
CA ASP A 193 -22.36 -19.47 15.51
C ASP A 193 -21.60 -20.79 15.53
N THR A 194 -20.97 -21.13 14.41
CA THR A 194 -20.15 -22.33 14.30
C THR A 194 -19.03 -22.38 15.33
N GLY A 195 -18.53 -21.23 15.76
CA GLY A 195 -17.41 -21.20 16.66
C GLY A 195 -16.16 -20.83 15.91
N VAL A 196 -15.79 -19.56 15.98
CA VAL A 196 -14.57 -19.06 15.38
C VAL A 196 -13.56 -18.89 16.49
N ASP A 197 -12.41 -19.55 16.35
CA ASP A 197 -11.41 -19.55 17.40
C ASP A 197 -10.52 -18.31 17.33
N LEU A 198 -10.19 -17.84 16.14
CA LEU A 198 -9.26 -16.72 15.99
C LEU A 198 -9.73 -15.80 14.88
N LEU A 199 -9.85 -14.52 15.21
CA LEU A 199 -10.27 -13.50 14.26
C LEU A 199 -9.08 -12.60 13.99
N LEU A 200 -8.71 -12.49 12.72
CA LEU A 200 -7.67 -11.55 12.30
C LEU A 200 -8.39 -10.35 11.70
N CYS A 201 -8.17 -9.19 12.30
CA CYS A 201 -9.09 -8.07 12.07
C CYS A 201 -8.35 -6.81 11.66
N ASP A 202 -8.80 -6.24 10.54
CA ASP A 202 -8.28 -4.97 10.02
C ASP A 202 -8.41 -3.86 11.06
N SER A 203 -7.29 -3.16 11.30
CA SER A 203 -7.19 -2.15 12.34
C SER A 203 -7.10 -0.72 11.81
N THR A 204 -7.12 -0.54 10.49
CA THR A 204 -6.69 0.74 9.90
C THR A 204 -7.37 1.93 10.54
N ASN A 205 -8.71 1.87 10.68
CA ASN A 205 -9.53 2.94 11.23
C ASN A 205 -10.10 2.59 12.61
N ALA A 206 -9.42 1.75 13.39
CA ALA A 206 -9.97 1.35 14.69
C ALA A 206 -10.01 2.49 15.70
N GLU A 207 -9.22 3.55 15.52
CA GLU A 207 -9.29 4.68 16.44
C GLU A 207 -10.30 5.77 16.03
N ILE A 208 -11.04 5.61 14.94
CA ILE A 208 -12.03 6.60 14.54
C ILE A 208 -13.40 6.16 15.09
N PRO A 209 -14.01 6.92 15.98
CA PRO A 209 -15.28 6.48 16.56
C PRO A 209 -16.39 6.60 15.54
N GLY A 210 -17.48 5.88 15.81
CA GLY A 210 -18.66 5.98 15.00
C GLY A 210 -18.63 5.05 13.80
N VAL A 211 -19.53 5.36 12.87
CA VAL A 211 -19.70 4.61 11.64
C VAL A 211 -19.35 5.54 10.48
N GLY A 212 -18.57 5.05 9.52
CA GLY A 212 -18.07 5.89 8.44
C GLY A 212 -19.12 6.13 7.37
N PRO A 213 -18.99 7.23 6.64
CA PRO A 213 -20.00 7.53 5.61
C PRO A 213 -19.97 6.54 4.45
N SER A 214 -21.12 6.45 3.79
CA SER A 214 -21.31 5.56 2.65
C SER A 214 -20.59 6.09 1.41
N GLU A 215 -19.96 5.18 0.67
CA GLU A 215 -19.38 5.56 -0.61
C GLU A 215 -20.40 6.23 -1.52
N SER A 216 -21.67 5.84 -1.40
CA SER A 216 -22.77 6.48 -2.13
C SER A 216 -23.05 7.94 -1.71
N GLU A 217 -22.46 8.43 -0.62
CA GLU A 217 -22.58 9.88 -0.44
C GLU A 217 -21.73 10.67 -1.42
N VAL A 218 -20.80 10.03 -2.14
CA VAL A 218 -19.91 10.79 -3.01
C VAL A 218 -20.61 11.20 -4.29
N GLY A 219 -21.41 10.30 -4.89
CA GLY A 219 -22.10 10.58 -6.12
C GLY A 219 -22.87 11.91 -6.16
N PRO A 220 -23.80 12.10 -5.22
CA PRO A 220 -24.54 13.39 -5.18
C PRO A 220 -23.64 14.60 -5.08
N THR A 221 -22.54 14.52 -4.32
CA THR A 221 -21.62 15.66 -4.26
C THR A 221 -20.94 15.91 -5.60
N LEU A 222 -20.50 14.84 -6.28
CA LEU A 222 -19.91 15.02 -7.60
C LEU A 222 -20.93 15.53 -8.59
N HIS A 223 -22.16 15.00 -8.54
CA HIS A 223 -23.23 15.50 -9.38
C HIS A 223 -23.46 16.99 -9.17
N ARG A 224 -23.46 17.43 -7.91
CA ARG A 224 -23.67 18.84 -7.62
C ARG A 224 -22.53 19.68 -8.17
N LEU A 225 -21.30 19.19 -8.05
CA LEU A 225 -20.15 19.95 -8.50
C LEU A 225 -20.12 20.07 -10.02
N ILE A 226 -20.46 18.99 -10.73
CA ILE A 226 -20.43 19.05 -12.18
C ILE A 226 -21.53 19.96 -12.70
N ARG A 227 -22.73 19.83 -12.14
CA ARG A 227 -23.84 20.67 -12.57
C ARG A 227 -23.50 22.15 -12.43
N GLY A 228 -22.81 22.52 -11.34
CA GLY A 228 -22.49 23.93 -11.16
C GLY A 228 -21.30 24.44 -11.97
N ALA A 229 -20.56 23.57 -12.64
CA ALA A 229 -19.33 23.99 -13.29
C ALA A 229 -19.63 24.60 -14.66
N ASP A 230 -19.04 25.75 -14.93
CA ASP A 230 -19.26 26.39 -16.21
C ASP A 230 -18.35 25.87 -17.30
N GLY A 231 -17.23 25.29 -16.94
CA GLY A 231 -16.31 24.78 -17.93
C GLY A 231 -16.09 23.29 -17.76
N ARG A 232 -14.84 22.89 -17.99
CA ARG A 232 -14.43 21.50 -17.88
C ARG A 232 -14.24 21.11 -16.41
N VAL A 233 -14.54 19.84 -16.11
CA VAL A 233 -14.33 19.27 -14.79
C VAL A 233 -13.27 18.18 -14.88
N ILE A 234 -12.35 18.18 -13.94
CA ILE A 234 -11.32 17.16 -13.85
C ILE A 234 -11.41 16.55 -12.46
N VAL A 235 -11.58 15.23 -12.42
CA VAL A 235 -11.68 14.51 -11.15
C VAL A 235 -10.51 13.55 -11.08
N ALA A 236 -9.64 13.77 -10.09
CA ALA A 236 -8.55 12.85 -9.77
C ALA A 236 -8.99 11.84 -8.71
N CYS A 237 -8.77 10.55 -8.97
CA CYS A 237 -9.04 9.52 -7.97
C CYS A 237 -8.10 8.33 -8.18
N PHE A 238 -8.23 7.33 -7.30
CA PHE A 238 -7.43 6.13 -7.44
C PHE A 238 -8.07 5.20 -8.46
N ALA A 239 -7.25 4.74 -9.41
CA ALA A 239 -7.73 3.90 -10.49
C ALA A 239 -8.30 2.58 -10.00
N SER A 240 -7.87 2.12 -8.83
CA SER A 240 -8.41 0.89 -8.27
C SER A 240 -9.84 1.04 -7.71
N ASN A 241 -10.35 2.26 -7.52
CA ASN A 241 -11.66 2.44 -6.93
C ASN A 241 -12.69 2.53 -8.06
N VAL A 242 -13.17 1.37 -8.50
CA VAL A 242 -14.09 1.30 -9.63
C VAL A 242 -15.43 1.94 -9.28
N ASP A 243 -15.92 1.76 -8.05
CA ASP A 243 -17.21 2.34 -7.67
C ASP A 243 -17.15 3.87 -7.60
N ARG A 244 -15.98 4.43 -7.33
CA ARG A 244 -15.83 5.88 -7.41
C ARG A 244 -15.84 6.34 -8.87
N VAL A 245 -15.13 5.64 -9.75
CA VAL A 245 -15.18 5.99 -11.17
C VAL A 245 -16.60 5.86 -11.71
N GLN A 246 -17.26 4.75 -11.37
CA GLN A 246 -18.64 4.59 -11.80
C GLN A 246 -19.51 5.79 -11.40
N GLN A 247 -19.32 6.33 -10.19
CA GLN A 247 -20.18 7.44 -9.80
C GLN A 247 -19.84 8.71 -10.56
N ILE A 248 -18.56 8.95 -10.82
CA ILE A 248 -18.18 10.09 -11.67
C ILE A 248 -18.84 9.96 -13.03
N ILE A 249 -18.74 8.80 -13.66
CA ILE A 249 -19.30 8.61 -14.99
C ILE A 249 -20.82 8.81 -14.97
N ASP A 250 -21.50 8.20 -14.00
CA ASP A 250 -22.95 8.34 -13.91
C ASP A 250 -23.38 9.79 -13.75
N ALA A 251 -22.66 10.56 -12.92
CA ALA A 251 -22.98 11.98 -12.78
C ALA A 251 -22.79 12.71 -14.11
N ALA A 252 -21.63 12.50 -14.76
CA ALA A 252 -21.32 13.21 -16.00
C ALA A 252 -22.32 12.88 -17.10
N VAL A 253 -22.65 11.60 -17.26
CA VAL A 253 -23.57 11.20 -18.30
C VAL A 253 -24.95 11.79 -18.03
N ALA A 254 -25.35 11.81 -16.75
CA ALA A 254 -26.67 12.36 -16.41
C ALA A 254 -26.76 13.84 -16.72
N LEU A 255 -25.63 14.54 -16.86
CA LEU A 255 -25.63 15.95 -17.21
C LEU A 255 -25.11 16.20 -18.62
N GLY A 256 -25.22 15.21 -19.52
CA GLY A 256 -24.89 15.47 -20.90
C GLY A 256 -23.42 15.68 -21.22
N ARG A 257 -22.52 15.27 -20.33
CA ARG A 257 -21.09 15.33 -20.62
C ARG A 257 -20.57 13.96 -21.03
N ARG A 258 -19.42 13.98 -21.68
CA ARG A 258 -18.72 12.76 -22.00
C ARG A 258 -17.45 12.69 -21.18
N VAL A 259 -16.89 11.49 -21.09
CA VAL A 259 -15.87 11.17 -20.12
C VAL A 259 -14.62 10.71 -20.85
N SER A 260 -13.46 11.03 -20.29
CA SER A 260 -12.18 10.66 -20.86
C SER A 260 -11.22 10.25 -19.74
N PHE A 261 -10.55 9.12 -19.91
CA PHE A 261 -9.53 8.68 -18.97
C PHE A 261 -8.16 9.22 -19.36
N VAL A 262 -7.38 9.65 -18.38
CA VAL A 262 -6.05 10.21 -18.58
C VAL A 262 -5.07 9.50 -17.65
N GLY A 263 -3.94 9.04 -18.21
CA GLY A 263 -2.95 8.34 -17.42
C GLY A 263 -3.01 6.84 -17.59
N ARG A 264 -1.85 6.22 -17.75
CA ARG A 264 -1.77 4.80 -18.10
C ARG A 264 -2.47 3.93 -17.06
N SER A 265 -2.18 4.16 -15.77
CA SER A 265 -2.80 3.35 -14.72
C SER A 265 -4.33 3.46 -14.76
N MET A 266 -4.86 4.65 -15.03
CA MET A 266 -6.31 4.78 -15.16
C MET A 266 -6.83 4.07 -16.41
N VAL A 267 -6.13 4.22 -17.55
CA VAL A 267 -6.59 3.59 -18.78
C VAL A 267 -6.51 2.07 -18.69
N ARG A 268 -5.39 1.55 -18.21
CA ARG A 268 -5.28 0.10 -18.07
C ARG A 268 -6.35 -0.45 -17.14
N ASN A 269 -6.53 0.19 -15.98
CA ASN A 269 -7.39 -0.40 -14.97
C ASN A 269 -8.86 -0.30 -15.34
N MET A 270 -9.29 0.80 -15.98
CA MET A 270 -10.68 0.85 -16.40
C MET A 270 -10.96 -0.13 -17.53
N ARG A 271 -9.98 -0.40 -18.39
CA ARG A 271 -10.14 -1.47 -19.37
C ARG A 271 -10.46 -2.80 -18.70
N VAL A 272 -9.65 -3.20 -17.73
CA VAL A 272 -9.95 -4.42 -16.96
C VAL A 272 -11.34 -4.33 -16.32
N ALA A 273 -11.65 -3.18 -15.68
CA ALA A 273 -12.93 -3.06 -14.98
C ALA A 273 -14.10 -3.18 -15.94
N ARG A 274 -14.00 -2.57 -17.12
CA ARG A 274 -15.04 -2.75 -18.12
C ARG A 274 -15.11 -4.18 -18.61
N GLN A 275 -13.96 -4.83 -18.80
CA GLN A 275 -14.00 -6.21 -19.32
C GLN A 275 -14.64 -7.16 -18.32
N LEU A 276 -14.32 -7.00 -17.04
CA LEU A 276 -14.84 -7.89 -16.03
C LEU A 276 -16.22 -7.48 -15.53
N GLY A 277 -16.76 -6.38 -16.04
CA GLY A 277 -18.14 -6.01 -15.75
C GLY A 277 -18.33 -5.16 -14.52
N PHE A 278 -17.25 -4.68 -13.91
CA PHE A 278 -17.39 -3.83 -12.72
C PHE A 278 -17.64 -2.39 -13.09
N LEU A 279 -17.20 -1.96 -14.26
CA LEU A 279 -17.48 -0.62 -14.75
C LEU A 279 -18.39 -0.73 -15.96
N ARG A 280 -19.54 -0.07 -15.91
CA ARG A 280 -20.56 -0.11 -16.96
C ARG A 280 -20.67 1.28 -17.57
N VAL A 281 -20.20 1.43 -18.79
CA VAL A 281 -20.27 2.71 -19.50
C VAL A 281 -20.39 2.42 -20.99
N ALA A 282 -21.20 3.24 -21.68
CA ALA A 282 -21.40 3.12 -23.11
C ALA A 282 -20.23 3.73 -23.85
N ASP A 283 -19.81 3.07 -24.94
CA ASP A 283 -18.66 3.55 -25.71
C ASP A 283 -18.85 4.96 -26.27
N SER A 284 -20.10 5.34 -26.54
CA SER A 284 -20.40 6.70 -27.00
C SER A 284 -20.28 7.74 -25.89
N ASP A 285 -20.17 7.33 -24.63
CA ASP A 285 -19.95 8.24 -23.52
C ASP A 285 -18.48 8.51 -23.26
N LEU A 286 -17.59 7.70 -23.82
CA LEU A 286 -16.15 7.91 -23.70
C LEU A 286 -15.56 8.58 -24.93
N ILE A 287 -14.61 9.48 -24.68
CA ILE A 287 -13.82 10.14 -25.72
C ILE A 287 -12.38 9.72 -25.49
N ASP A 288 -11.63 9.54 -26.56
CA ASP A 288 -10.21 9.35 -26.37
C ASP A 288 -9.59 10.65 -25.91
N ILE A 289 -8.50 10.53 -25.16
CA ILE A 289 -7.88 11.71 -24.56
C ILE A 289 -7.37 12.64 -25.65
N ALA A 290 -6.71 12.09 -26.69
CA ALA A 290 -6.21 12.91 -27.81
C ALA A 290 -7.36 13.53 -28.68
N ALA A 291 -8.63 13.38 -28.29
CA ALA A 291 -9.74 14.00 -29.00
C ALA A 291 -10.66 14.77 -28.07
N ALA A 292 -10.29 14.90 -26.79
CA ALA A 292 -11.17 15.62 -25.87
C ALA A 292 -11.14 17.12 -26.12
N GLU A 293 -9.99 17.66 -26.54
CA GLU A 293 -9.89 19.12 -26.71
C GLU A 293 -10.63 19.64 -27.93
N THR A 294 -11.22 18.77 -28.75
CA THR A 294 -12.00 19.24 -29.89
C THR A 294 -13.35 19.82 -29.47
N MET A 295 -13.90 19.37 -28.33
CA MET A 295 -15.22 19.82 -27.91
C MET A 295 -15.18 21.03 -27.01
N ALA A 296 -16.39 21.55 -26.80
CA ALA A 296 -16.59 22.56 -25.80
C ALA A 296 -16.16 22.01 -24.43
N PRO A 297 -15.49 22.83 -23.62
CA PRO A 297 -15.06 22.36 -22.30
C PRO A 297 -16.21 21.92 -21.40
N ASP A 298 -17.34 22.62 -21.43
CA ASP A 298 -18.46 22.21 -20.57
C ASP A 298 -19.14 20.92 -21.04
N GLN A 299 -18.52 20.17 -21.96
CA GLN A 299 -19.06 18.93 -22.46
C GLN A 299 -18.21 17.74 -22.07
N VAL A 300 -17.14 17.96 -21.31
CA VAL A 300 -16.22 16.89 -20.98
C VAL A 300 -15.97 16.88 -19.48
N VAL A 301 -15.78 15.68 -18.95
CA VAL A 301 -15.23 15.42 -17.63
C VAL A 301 -13.99 14.56 -17.85
N LEU A 302 -12.86 14.99 -17.32
CA LEU A 302 -11.64 14.17 -17.41
C LEU A 302 -11.46 13.45 -16.09
N ILE A 303 -11.16 12.16 -16.15
CA ILE A 303 -10.90 11.33 -14.99
C ILE A 303 -9.45 10.89 -15.07
N THR A 304 -8.67 11.26 -14.07
CA THR A 304 -7.23 11.13 -14.11
C THR A 304 -6.72 10.49 -12.82
N THR A 305 -5.43 10.15 -12.83
CA THR A 305 -4.67 9.81 -11.63
C THR A 305 -3.87 11.01 -11.16
N GLY A 306 -3.24 10.86 -10.00
CA GLY A 306 -2.33 11.89 -9.52
C GLY A 306 -2.81 12.53 -8.25
N THR A 307 -3.58 11.78 -7.47
CA THR A 307 -4.12 12.29 -6.22
C THR A 307 -3.03 12.53 -5.19
N GLN A 308 -1.90 11.81 -5.29
CA GLN A 308 -0.85 11.91 -4.30
C GLN A 308 0.25 12.89 -4.70
N GLY A 309 0.06 13.63 -5.79
CA GLY A 309 1.03 14.64 -6.19
C GLY A 309 2.34 14.10 -6.71
N GLU A 310 2.36 12.83 -7.10
CA GLU A 310 3.55 12.22 -7.69
C GLU A 310 3.97 13.00 -8.93
N PRO A 311 5.22 13.46 -9.03
CA PRO A 311 5.59 14.43 -10.07
C PRO A 311 5.35 13.99 -11.50
N MET A 312 5.46 12.70 -11.80
CA MET A 312 5.21 12.22 -13.14
C MET A 312 3.76 11.81 -13.37
N SER A 313 2.85 12.12 -12.44
CA SER A 313 1.45 11.80 -12.65
C SER A 313 0.80 12.80 -13.60
N ALA A 314 -0.33 12.39 -14.17
CA ALA A 314 -0.99 13.22 -15.18
C ALA A 314 -1.40 14.57 -14.60
N LEU A 315 -1.96 14.58 -13.38
CA LEU A 315 -2.39 15.86 -12.80
C LEU A 315 -1.20 16.74 -12.41
N SER A 316 -0.08 16.14 -11.97
CA SER A 316 1.12 16.94 -11.73
C SER A 316 1.56 17.64 -13.01
N ARG A 317 1.71 16.86 -14.09
CA ARG A 317 2.11 17.39 -15.38
C ARG A 317 1.18 18.53 -15.82
N MET A 318 -0.14 18.34 -15.69
CA MET A 318 -1.08 19.38 -16.07
C MET A 318 -0.87 20.65 -15.27
N SER A 319 -0.62 20.52 -13.96
CA SER A 319 -0.45 21.69 -13.10
C SER A 319 0.80 22.49 -13.45
N ARG A 320 1.79 21.86 -14.08
CA ARG A 320 3.01 22.54 -14.49
C ARG A 320 2.98 23.00 -15.96
N GLY A 321 1.89 22.80 -16.68
CA GLY A 321 1.83 23.23 -18.06
C GLY A 321 2.63 22.34 -18.97
N GLU A 322 2.73 21.06 -18.64
CA GLU A 322 3.61 20.14 -19.32
C GLU A 322 2.92 18.82 -19.59
N HIS A 323 1.61 18.84 -19.76
CA HIS A 323 0.91 17.66 -20.26
C HIS A 323 0.81 17.77 -21.77
N ARG A 324 1.05 16.65 -22.47
CA ARG A 324 1.03 16.69 -23.93
C ARG A 324 -0.35 17.07 -24.46
N SER A 325 -1.38 16.34 -24.05
CA SER A 325 -2.70 16.49 -24.65
C SER A 325 -3.55 17.58 -23.99
N ILE A 326 -3.33 17.92 -22.72
CA ILE A 326 -4.25 18.77 -21.96
C ILE A 326 -3.52 20.01 -21.47
N THR A 327 -4.19 21.17 -21.58
CA THR A 327 -3.72 22.42 -21.01
C THR A 327 -4.83 23.00 -20.13
N LEU A 328 -4.49 23.31 -18.88
CA LEU A 328 -5.47 23.79 -17.91
C LEU A 328 -5.67 25.29 -18.04
N THR A 329 -6.88 25.74 -17.67
CA THR A 329 -7.25 27.15 -17.71
C THR A 329 -7.99 27.48 -16.42
N ALA A 330 -8.06 28.78 -16.12
CA ALA A 330 -8.75 29.24 -14.93
C ALA A 330 -10.23 28.89 -14.91
N GLY A 331 -10.80 28.43 -16.03
CA GLY A 331 -12.18 28.00 -16.08
C GLY A 331 -12.39 26.55 -15.68
N ASP A 332 -11.30 25.81 -15.51
CA ASP A 332 -11.38 24.42 -15.08
C ASP A 332 -11.72 24.32 -13.60
N LEU A 333 -12.54 23.32 -13.27
CA LEU A 333 -12.75 22.84 -11.91
C LEU A 333 -12.01 21.53 -11.70
N ILE A 334 -11.20 21.45 -10.65
CA ILE A 334 -10.47 20.22 -10.31
C ILE A 334 -10.99 19.69 -9.00
N VAL A 335 -11.34 18.40 -8.99
CA VAL A 335 -11.81 17.72 -7.79
C VAL A 335 -10.83 16.60 -7.44
N LEU A 336 -10.25 16.67 -6.25
CA LEU A 336 -9.42 15.60 -5.69
C LEU A 336 -10.31 14.65 -4.90
N SER A 337 -10.85 13.65 -5.60
CA SER A 337 -11.70 12.63 -5.01
C SER A 337 -10.83 11.55 -4.36
N SER A 338 -10.19 11.92 -3.27
CA SER A 338 -9.21 11.06 -2.63
C SER A 338 -8.90 11.66 -1.27
N SER A 339 -8.01 11.00 -0.54
CA SER A 339 -7.45 11.56 0.68
C SER A 339 -5.93 11.54 0.65
N LEU A 340 -5.35 12.36 1.49
CA LEU A 340 -3.92 12.63 1.49
C LEU A 340 -3.19 11.60 2.35
N ILE A 341 -2.65 10.56 1.71
CA ILE A 341 -1.74 9.61 2.38
C ILE A 341 -0.66 10.38 3.13
N PRO A 342 -0.42 10.06 4.42
CA PRO A 342 0.59 10.80 5.19
C PRO A 342 1.98 10.63 4.59
N GLY A 343 2.77 11.70 4.65
CA GLY A 343 4.06 11.73 4.00
C GLY A 343 4.05 12.28 2.59
N ASN A 344 2.88 12.68 2.07
CA ASN A 344 2.72 13.22 0.72
C ASN A 344 2.15 14.63 0.75
N GLU A 345 2.05 15.25 1.93
CA GLU A 345 1.34 16.52 2.07
C GLU A 345 2.03 17.63 1.30
N GLU A 346 3.35 17.74 1.45
CA GLU A 346 4.06 18.78 0.70
C GLU A 346 3.78 18.65 -0.78
N ALA A 347 3.74 17.41 -1.32
CA ALA A 347 3.60 17.28 -2.77
C ALA A 347 2.17 17.56 -3.22
N VAL A 348 1.17 17.11 -2.46
CA VAL A 348 -0.20 17.36 -2.87
C VAL A 348 -0.53 18.85 -2.81
N PHE A 349 -0.14 19.53 -1.72
CA PHE A 349 -0.45 20.96 -1.60
C PHE A 349 0.31 21.80 -2.62
N GLY A 350 1.43 21.29 -3.16
CA GLY A 350 2.10 21.99 -4.24
C GLY A 350 1.28 22.00 -5.52
N VAL A 351 0.73 20.85 -5.91
CA VAL A 351 -0.16 20.78 -7.07
C VAL A 351 -1.36 21.69 -6.87
N ILE A 352 -1.98 21.63 -5.68
CA ILE A 352 -3.13 22.50 -5.42
C ILE A 352 -2.72 23.96 -5.56
N ASP A 353 -1.50 24.29 -5.16
CA ASP A 353 -1.15 25.70 -5.25
C ASP A 353 -0.78 26.10 -6.68
N ALA A 354 -0.17 25.21 -7.46
CA ALA A 354 0.03 25.50 -8.88
C ALA A 354 -1.32 25.69 -9.58
N LEU A 355 -2.31 24.88 -9.24
CA LEU A 355 -3.65 25.05 -9.82
C LEU A 355 -4.27 26.37 -9.38
N SER A 356 -4.04 26.78 -8.14
CA SER A 356 -4.64 28.03 -7.67
C SER A 356 -4.00 29.23 -8.33
N LYS A 357 -2.70 29.14 -8.63
CA LYS A 357 -2.05 30.20 -9.38
C LYS A 357 -2.71 30.39 -10.74
N ILE A 358 -2.86 29.30 -11.48
CA ILE A 358 -3.57 29.30 -12.76
C ILE A 358 -4.95 29.93 -12.64
N GLY A 359 -5.62 29.77 -11.50
CA GLY A 359 -6.95 30.30 -11.30
C GLY A 359 -8.03 29.25 -11.30
N ALA A 360 -7.68 27.97 -11.48
CA ALA A 360 -8.69 26.93 -11.42
C ALA A 360 -9.24 26.77 -10.00
N ARG A 361 -10.50 26.42 -9.91
CA ARG A 361 -11.10 26.10 -8.63
C ARG A 361 -10.75 24.66 -8.26
N VAL A 362 -10.31 24.45 -7.02
CA VAL A 362 -9.92 23.12 -6.54
C VAL A 362 -10.81 22.75 -5.36
N VAL A 363 -11.38 21.55 -5.39
CA VAL A 363 -12.23 21.04 -4.31
C VAL A 363 -11.62 19.75 -3.81
N THR A 364 -11.35 19.68 -2.51
CA THR A 364 -10.81 18.51 -1.80
C THR A 364 -11.79 18.02 -0.74
N ASN A 365 -11.43 16.91 -0.08
CA ASN A 365 -12.25 16.33 0.98
C ASN A 365 -12.46 17.32 2.11
N ALA A 366 -11.50 18.23 2.31
CA ALA A 366 -11.62 19.23 3.35
C ALA A 366 -12.80 20.17 3.15
N GLN A 367 -13.32 20.30 1.92
CA GLN A 367 -14.40 21.22 1.63
C GLN A 367 -15.72 20.55 1.31
N ALA A 368 -15.71 19.29 0.87
CA ALA A 368 -16.95 18.62 0.46
C ALA A 368 -16.75 17.13 0.58
N ARG A 369 -17.88 16.43 0.61
CA ARG A 369 -17.92 14.97 0.73
C ARG A 369 -17.59 14.38 -0.63
N VAL A 370 -16.31 14.44 -1.00
CA VAL A 370 -15.83 13.89 -2.26
C VAL A 370 -15.04 12.61 -2.09
N HIS A 371 -14.90 12.11 -0.87
CA HIS A 371 -14.12 10.90 -0.67
C HIS A 371 -14.60 10.22 0.60
N VAL A 372 -14.61 8.88 0.60
CA VAL A 372 -14.75 8.11 1.83
C VAL A 372 -13.64 7.08 1.90
N SER A 373 -13.31 6.71 3.13
CA SER A 373 -12.31 5.70 3.40
C SER A 373 -12.81 4.34 2.93
N GLY A 374 -11.90 3.38 2.88
CA GLY A 374 -12.27 2.05 2.46
C GLY A 374 -12.23 1.09 3.63
N HIS A 375 -11.89 1.59 4.82
CA HIS A 375 -11.75 0.77 6.01
C HIS A 375 -12.81 1.11 7.07
N ALA A 376 -13.30 0.07 7.75
CA ALA A 376 -14.29 0.19 8.82
C ALA A 376 -13.83 1.10 9.96
N TYR A 377 -14.72 2.00 10.38
CA TYR A 377 -14.55 2.75 11.62
C TYR A 377 -14.78 1.84 12.83
N ALA A 378 -14.41 2.35 14.01
CA ALA A 378 -14.59 1.58 15.24
C ALA A 378 -16.04 1.09 15.42
N GLY A 379 -17.01 1.95 15.15
CA GLY A 379 -18.38 1.51 15.32
C GLY A 379 -18.80 0.43 14.37
N GLU A 380 -18.15 0.32 13.21
CA GLU A 380 -18.47 -0.78 12.30
C GLU A 380 -17.78 -2.06 12.73
N LEU A 381 -16.53 -1.97 13.18
CA LEU A 381 -15.87 -3.15 13.74
C LEU A 381 -16.69 -3.76 14.88
N LEU A 382 -17.35 -2.92 15.69
CA LEU A 382 -18.18 -3.48 16.76
C LEU A 382 -19.23 -4.44 16.23
N PHE A 383 -19.87 -4.08 15.11
CA PHE A 383 -20.80 -5.00 14.46
C PHE A 383 -20.11 -6.32 14.11
N LEU A 384 -18.87 -6.24 13.63
CA LEU A 384 -18.16 -7.47 13.28
C LEU A 384 -17.90 -8.31 14.52
N TYR A 385 -17.44 -7.67 15.60
CA TYR A 385 -17.14 -8.42 16.81
C TYR A 385 -18.41 -9.04 17.41
N ASN A 386 -19.52 -8.30 17.42
CA ASN A 386 -20.75 -8.89 17.96
C ASN A 386 -21.29 -9.94 17.02
N GLY A 387 -21.03 -9.82 15.72
CA GLY A 387 -21.57 -10.76 14.76
C GLY A 387 -20.81 -12.06 14.77
N VAL A 388 -19.48 -11.98 14.81
CA VAL A 388 -18.64 -13.17 14.73
C VAL A 388 -18.48 -13.83 16.10
N ARG A 389 -18.29 -13.03 17.16
CA ARG A 389 -18.10 -13.54 18.53
C ARG A 389 -16.91 -14.48 18.58
N PRO A 390 -15.72 -13.99 18.26
CA PRO A 390 -14.55 -14.86 18.23
C PRO A 390 -14.05 -15.18 19.64
N ARG A 391 -13.58 -16.41 19.84
CA ARG A 391 -12.99 -16.76 21.13
C ARG A 391 -11.66 -16.03 21.37
N ASN A 392 -10.91 -15.71 20.31
CA ASN A 392 -9.68 -14.94 20.43
C ASN A 392 -9.58 -13.97 19.26
N VAL A 393 -8.75 -12.93 19.44
CA VAL A 393 -8.69 -11.83 18.50
C VAL A 393 -7.25 -11.42 18.31
N MET A 394 -6.80 -11.33 17.05
CA MET A 394 -5.49 -10.78 16.70
C MET A 394 -5.66 -9.60 15.76
N PRO A 395 -5.35 -8.37 16.19
CA PRO A 395 -5.38 -7.22 15.27
C PRO A 395 -4.25 -7.29 14.26
N VAL A 396 -4.57 -6.97 13.01
CA VAL A 396 -3.61 -6.99 11.91
C VAL A 396 -3.72 -5.67 11.15
N HIS A 397 -2.99 -5.52 10.05
CA HIS A 397 -3.01 -4.32 9.15
C HIS A 397 -3.03 -3.02 9.96
N GLY A 398 -1.97 -2.71 10.68
CA GLY A 398 -1.96 -1.43 11.38
C GLY A 398 -0.70 -1.15 12.16
N THR A 399 -0.49 0.10 12.49
CA THR A 399 0.61 0.52 13.38
C THR A 399 0.18 0.31 14.84
N TRP A 400 1.09 0.49 15.78
CA TRP A 400 0.76 0.23 17.20
C TRP A 400 -0.47 1.00 17.68
N ARG A 401 -0.55 2.28 17.40
CA ARG A 401 -1.71 3.06 17.84
C ARG A 401 -3.01 2.47 17.31
N MET A 402 -3.00 1.90 16.09
CA MET A 402 -4.20 1.26 15.54
C MET A 402 -4.42 -0.12 16.15
N LEU A 403 -3.35 -0.89 16.36
CA LEU A 403 -3.54 -2.23 16.91
C LEU A 403 -4.13 -2.13 18.32
N ARG A 404 -3.67 -1.15 19.09
CA ARG A 404 -4.15 -0.98 20.45
C ARG A 404 -5.62 -0.55 20.47
N ALA A 405 -5.99 0.38 19.58
CA ALA A 405 -7.39 0.79 19.49
C ALA A 405 -8.29 -0.40 19.21
N ASN A 406 -7.88 -1.27 18.29
CA ASN A 406 -8.68 -2.41 17.92
C ASN A 406 -8.76 -3.41 19.07
N ALA A 407 -7.65 -3.60 19.78
CA ALA A 407 -7.64 -4.37 21.03
C ALA A 407 -8.73 -3.92 22.00
N LYS A 408 -8.82 -2.61 22.29
CA LYS A 408 -9.86 -2.14 23.21
C LYS A 408 -11.25 -2.38 22.65
N LEU A 409 -11.46 -2.15 21.36
CA LEU A 409 -12.77 -2.43 20.77
C LEU A 409 -13.18 -3.87 21.06
N ALA A 410 -12.28 -4.82 20.80
CA ALA A 410 -12.62 -6.21 21.02
C ALA A 410 -12.90 -6.46 22.51
N ALA A 411 -12.05 -5.91 23.38
CA ALA A 411 -12.25 -6.03 24.82
C ALA A 411 -13.64 -5.56 25.23
N SER A 412 -14.04 -4.39 24.72
CA SER A 412 -15.30 -3.80 25.18
C SER A 412 -16.52 -4.59 24.72
N THR A 413 -16.37 -5.55 23.81
CA THR A 413 -17.48 -6.42 23.44
C THR A 413 -17.53 -7.70 24.27
N GLY A 414 -16.51 -7.94 25.10
CA GLY A 414 -16.50 -9.13 25.94
C GLY A 414 -15.39 -10.12 25.64
N VAL A 415 -14.46 -9.82 24.73
CA VAL A 415 -13.38 -10.75 24.48
C VAL A 415 -12.39 -10.62 25.62
N PRO A 416 -12.11 -11.71 26.34
CA PRO A 416 -11.20 -11.63 27.49
C PRO A 416 -9.84 -11.10 27.07
N GLN A 417 -9.22 -10.29 27.94
CA GLN A 417 -7.95 -9.65 27.59
C GLN A 417 -6.84 -10.67 27.28
N GLU A 418 -6.85 -11.82 27.95
CA GLU A 418 -5.84 -12.84 27.64
C GLU A 418 -6.04 -13.45 26.26
N SER A 419 -7.23 -13.29 25.69
CA SER A 419 -7.57 -13.77 24.36
C SER A 419 -7.48 -12.67 23.30
N ILE A 420 -6.83 -11.57 23.63
CA ILE A 420 -6.59 -10.47 22.70
C ILE A 420 -5.08 -10.39 22.54
N LEU A 421 -4.57 -10.88 21.41
CA LEU A 421 -3.14 -11.08 21.21
C LEU A 421 -2.60 -10.07 20.22
N LEU A 422 -1.58 -9.34 20.63
CA LEU A 422 -0.95 -8.30 19.82
C LEU A 422 0.43 -8.79 19.40
N ALA A 423 0.53 -9.29 18.17
CA ALA A 423 1.70 -10.00 17.66
C ALA A 423 2.31 -9.24 16.49
N GLU A 424 3.28 -8.37 16.78
CA GLU A 424 4.14 -7.72 15.79
C GLU A 424 4.73 -8.71 14.80
N ASN A 425 5.04 -8.23 13.59
CA ASN A 425 5.81 -8.99 12.60
C ASN A 425 6.89 -9.83 13.27
N GLY A 426 6.83 -11.15 13.04
CA GLY A 426 7.79 -12.07 13.60
C GLY A 426 7.37 -12.73 14.88
N VAL A 427 6.29 -12.28 15.50
CA VAL A 427 5.81 -12.84 16.76
C VAL A 427 4.79 -13.92 16.43
N SER A 428 5.01 -15.12 16.91
CA SER A 428 4.10 -16.21 16.58
C SER A 428 2.96 -16.29 17.58
N VAL A 429 1.84 -16.85 17.10
CA VAL A 429 0.66 -17.12 17.92
C VAL A 429 0.27 -18.56 17.66
N ASP A 430 0.25 -19.38 18.70
CA ASP A 430 -0.11 -20.78 18.59
C ASP A 430 -1.54 -20.97 19.05
N LEU A 431 -2.31 -21.72 18.29
CA LEU A 431 -3.66 -22.11 18.68
C LEU A 431 -3.62 -23.61 18.93
N VAL A 432 -3.77 -24.01 20.19
CA VAL A 432 -3.62 -25.40 20.60
C VAL A 432 -4.78 -25.79 21.53
N ALA A 433 -5.50 -26.83 21.14
CA ALA A 433 -6.66 -27.33 21.88
C ALA A 433 -7.64 -26.20 22.20
N GLY A 434 -7.90 -25.35 21.21
CA GLY A 434 -8.86 -24.27 21.35
C GLY A 434 -8.36 -23.03 22.04
N LYS A 435 -7.23 -23.09 22.73
CA LYS A 435 -6.65 -21.92 23.40
C LYS A 435 -5.54 -21.33 22.55
N ALA A 436 -5.42 -20.01 22.59
CA ALA A 436 -4.52 -19.26 21.73
C ALA A 436 -3.62 -18.39 22.58
N SER A 437 -2.32 -18.45 22.32
CA SER A 437 -1.38 -17.65 23.10
C SER A 437 -0.18 -17.28 22.24
N ILE A 438 0.49 -16.20 22.62
CA ILE A 438 1.74 -15.84 22.01
C ILE A 438 2.81 -16.85 22.43
N SER A 439 3.62 -17.28 21.46
CA SER A 439 4.51 -18.43 21.65
C SER A 439 5.97 -18.15 21.38
N GLY A 440 6.35 -16.94 21.00
CA GLY A 440 7.74 -16.64 20.70
C GLY A 440 7.87 -15.69 19.53
N ALA A 441 9.09 -15.22 19.30
CA ALA A 441 9.38 -14.25 18.26
C ALA A 441 10.64 -14.62 17.50
N VAL A 442 10.63 -14.36 16.19
CA VAL A 442 11.85 -14.35 15.37
C VAL A 442 12.05 -12.95 14.83
N PRO A 443 13.27 -12.53 14.53
CA PRO A 443 13.49 -11.19 13.95
C PRO A 443 13.01 -11.12 12.51
N VAL A 444 12.36 -10.01 12.15
CA VAL A 444 12.04 -9.75 10.75
C VAL A 444 12.56 -8.37 10.38
N GLY A 445 13.17 -8.29 9.21
CA GLY A 445 13.73 -7.03 8.75
C GLY A 445 13.04 -6.59 7.48
N LYS A 446 13.56 -5.54 6.87
CA LYS A 446 13.03 -5.02 5.62
C LYS A 446 13.91 -5.49 4.47
N MET A 447 13.36 -6.38 3.63
CA MET A 447 14.01 -6.77 2.38
C MET A 447 13.86 -5.64 1.37
N PHE A 448 14.96 -5.07 0.91
CA PHE A 448 14.90 -3.99 -0.06
C PHE A 448 14.93 -4.50 -1.49
N VAL A 449 14.27 -3.77 -2.37
CA VAL A 449 14.40 -3.93 -3.80
C VAL A 449 14.99 -2.63 -4.34
N ASP A 450 16.15 -2.74 -5.00
CA ASP A 450 16.76 -1.60 -5.69
C ASP A 450 17.27 -2.14 -7.03
N GLY A 451 16.43 -1.99 -8.06
CA GLY A 451 16.78 -2.48 -9.38
C GLY A 451 16.86 -4.00 -9.45
N LEU A 452 17.82 -4.47 -10.25
CA LEU A 452 17.94 -5.88 -10.65
C LEU A 452 18.58 -6.77 -9.59
N ILE A 453 19.38 -6.21 -8.70
CA ILE A 453 19.80 -6.97 -7.53
C ILE A 453 18.90 -6.67 -6.34
N ALA A 454 19.03 -7.49 -5.31
CA ALA A 454 18.46 -7.19 -4.00
C ALA A 454 19.37 -7.84 -2.98
N GLY A 455 19.32 -7.35 -1.73
CA GLY A 455 20.08 -7.94 -0.65
C GLY A 455 21.49 -7.42 -0.45
N ASP A 456 22.06 -6.70 -1.43
CA ASP A 456 23.33 -6.01 -1.19
C ASP A 456 23.13 -4.59 -0.68
N VAL A 457 21.89 -4.12 -0.55
CA VAL A 457 21.59 -2.81 0.03
C VAL A 457 21.03 -3.02 1.43
N GLY A 458 21.59 -2.33 2.40
CA GLY A 458 21.25 -2.53 3.80
C GLY A 458 21.39 -1.25 4.58
N ASP A 459 21.53 -1.38 5.90
CA ASP A 459 21.55 -0.22 6.77
C ASP A 459 22.71 0.72 6.41
N ILE A 460 23.88 0.17 6.09
CA ILE A 460 25.05 1.01 5.90
C ILE A 460 24.93 1.83 4.63
N THR A 461 24.35 1.24 3.57
CA THR A 461 24.18 1.94 2.31
C THR A 461 23.19 3.09 2.42
N LEU A 462 22.07 2.86 3.11
CA LEU A 462 21.11 3.93 3.32
C LEU A 462 21.69 5.00 4.19
N GLY A 463 22.48 4.61 5.19
CA GLY A 463 23.22 5.59 5.96
C GLY A 463 24.11 6.45 5.09
N GLU A 464 24.86 5.82 4.18
CA GLU A 464 25.73 6.60 3.30
C GLU A 464 24.90 7.52 2.42
N ARG A 465 23.77 7.02 1.91
CA ARG A 465 22.90 7.85 1.09
C ARG A 465 22.33 9.02 1.89
N LEU A 466 22.01 8.80 3.17
CA LEU A 466 21.52 9.90 3.99
C LEU A 466 22.59 10.96 4.18
N ILE A 467 23.83 10.52 4.43
CA ILE A 467 24.95 11.44 4.63
C ILE A 467 25.22 12.24 3.36
N LEU A 468 25.12 11.58 2.21
CA LEU A 468 25.46 12.21 0.93
C LEU A 468 24.51 13.32 0.53
N SER A 469 23.44 13.59 1.30
CA SER A 469 22.57 14.72 1.01
C SER A 469 23.24 16.06 1.26
N SER A 470 24.46 16.07 1.82
CA SER A 470 25.28 17.27 1.89
C SER A 470 26.49 17.19 0.96
N GLY A 471 26.43 16.29 -0.01
CA GLY A 471 27.49 16.18 -0.97
C GLY A 471 28.67 15.41 -0.39
N PHE A 472 29.74 15.38 -1.18
CA PHE A 472 30.96 14.72 -0.73
C PHE A 472 32.16 15.44 -1.31
N VAL A 473 33.22 15.46 -0.52
CA VAL A 473 34.51 15.98 -0.93
C VAL A 473 35.52 14.83 -0.92
N ALA A 474 36.16 14.58 -2.07
CA ALA A 474 37.03 13.41 -2.23
C ALA A 474 38.43 13.83 -2.65
N VAL A 475 39.43 13.20 -2.03
CA VAL A 475 40.80 13.67 -2.09
C VAL A 475 41.62 12.89 -3.13
N THR A 476 41.64 11.56 -3.02
CA THR A 476 42.59 10.67 -3.72
C THR A 476 42.92 11.05 -5.19
N PRO A 490 48.00 16.48 -5.84
CA PRO A 490 46.75 15.72 -5.75
C PRO A 490 45.53 16.48 -6.28
N HIS A 491 44.43 15.76 -6.53
CA HIS A 491 43.25 16.31 -7.19
C HIS A 491 42.06 16.30 -6.25
N LEU A 492 41.50 17.48 -5.98
CA LEU A 492 40.35 17.62 -5.10
C LEU A 492 39.08 17.77 -5.94
N HIS A 493 38.09 16.96 -5.62
CA HIS A 493 36.83 16.89 -6.35
C HIS A 493 35.67 16.88 -5.37
N SER A 494 34.52 17.33 -5.86
CA SER A 494 33.29 17.27 -5.06
C SER A 494 32.10 17.35 -6.01
N ARG A 495 30.92 17.04 -5.47
CA ARG A 495 29.71 17.04 -6.29
C ARG A 495 28.51 17.71 -5.64
N GLY A 496 28.18 17.34 -4.40
CA GLY A 496 27.06 18.01 -3.78
C GLY A 496 27.49 19.09 -2.82
N PHE A 497 28.55 19.82 -3.18
CA PHE A 497 29.23 20.68 -2.22
C PHE A 497 29.16 22.16 -2.55
N SER A 498 29.58 22.57 -3.74
CA SER A 498 29.60 23.99 -4.01
C SER A 498 29.64 24.23 -5.50
N GLU A 499 29.31 25.47 -5.88
CA GLU A 499 29.42 25.93 -7.25
C GLU A 499 30.62 26.86 -7.45
N ASP A 500 31.46 27.06 -6.42
CA ASP A 500 32.64 27.90 -6.52
C ASP A 500 33.84 27.04 -6.91
N PRO A 501 34.36 27.13 -8.14
CA PRO A 501 35.47 26.25 -8.52
C PRO A 501 36.72 26.49 -7.69
N LYS A 502 37.01 27.75 -7.37
CA LYS A 502 38.19 28.08 -6.58
C LYS A 502 38.06 27.64 -5.13
N ALA A 503 36.95 27.00 -4.75
CA ALA A 503 36.73 26.60 -3.37
C ALA A 503 37.54 25.37 -2.96
N LEU A 504 38.12 24.67 -3.93
CA LEU A 504 38.95 23.52 -3.61
C LEU A 504 40.38 23.92 -3.21
N GLU A 505 40.86 25.07 -3.68
CA GLU A 505 42.28 25.38 -3.56
C GLU A 505 42.77 25.51 -2.12
N PRO A 506 42.16 26.33 -1.23
CA PRO A 506 42.71 26.47 0.12
C PRO A 506 43.01 25.15 0.81
N ALA A 507 42.35 24.08 0.35
CA ALA A 507 42.60 22.76 0.90
C ALA A 507 43.79 22.07 0.25
N VAL A 508 44.16 22.46 -0.99
CA VAL A 508 45.26 21.77 -1.67
C VAL A 508 46.58 22.01 -0.94
N ARG A 509 46.87 23.27 -0.58
CA ARG A 509 48.08 23.57 0.17
C ARG A 509 48.12 22.78 1.48
N LYS A 510 47.03 22.80 2.24
CA LYS A 510 46.99 22.08 3.51
C LYS A 510 47.07 20.57 3.35
N VAL A 511 46.84 20.05 2.14
CA VAL A 511 46.90 18.61 1.93
C VAL A 511 48.35 18.15 1.77
N GLU A 512 49.11 18.86 0.95
CA GLU A 512 50.55 18.60 0.81
C GLU A 512 51.24 18.71 2.15
N ALA A 513 50.87 19.72 2.96
CA ALA A 513 51.47 19.90 4.27
C ALA A 513 51.43 18.62 5.10
N GLU A 514 50.29 17.93 5.13
CA GLU A 514 50.23 16.64 5.83
C GLU A 514 50.93 15.52 5.04
N LEU A 515 51.24 15.74 3.77
CA LEU A 515 51.95 14.75 2.98
C LEU A 515 53.46 14.75 3.24
N GLU A 516 53.99 15.89 3.69
CA GLU A 516 55.34 15.95 4.27
C GLU A 516 55.22 15.38 5.68
N SER A 517 55.18 14.05 5.75
CA SER A 517 55.06 13.33 7.01
C SER A 517 55.46 11.88 6.71
N LEU A 518 56.74 11.56 6.96
CA LEU A 518 57.29 10.25 6.68
C LEU A 518 57.79 9.61 7.98
N VAL A 519 57.49 8.31 8.14
CA VAL A 519 57.86 7.54 9.34
C VAL A 519 57.65 6.07 9.05
N ILE A 527 47.42 2.00 4.88
CA ILE A 527 46.12 2.69 4.94
C ILE A 527 46.18 3.96 5.79
N ARG A 528 47.21 4.08 6.64
CA ARG A 528 47.31 5.25 7.52
C ARG A 528 47.31 6.56 6.73
N ILE A 529 47.45 6.48 5.41
CA ILE A 529 47.24 7.61 4.50
C ILE A 529 45.77 8.00 4.47
N ALA A 530 44.87 7.01 4.51
CA ALA A 530 43.43 7.26 4.53
C ALA A 530 43.11 8.20 5.69
N GLN A 531 43.22 7.71 6.91
CA GLN A 531 42.92 8.49 8.12
C GLN A 531 43.81 9.72 8.27
N GLY A 532 44.65 9.99 7.27
CA GLY A 532 45.60 11.08 7.34
C GLY A 532 45.14 12.34 6.64
N VAL A 533 44.82 12.23 5.35
CA VAL A 533 44.30 13.39 4.64
C VAL A 533 42.77 13.45 4.67
N ARG A 534 42.09 12.30 4.83
CA ARG A 534 40.67 12.32 5.12
C ARG A 534 40.39 13.08 6.41
N ARG A 535 41.27 12.95 7.40
CA ARG A 535 41.17 13.77 8.60
C ARG A 535 41.65 15.21 8.37
N THR A 536 42.50 15.43 7.35
CA THR A 536 43.03 16.76 7.10
C THR A 536 42.02 17.65 6.38
N VAL A 537 41.31 17.11 5.38
CA VAL A 537 40.28 17.90 4.70
C VAL A 537 39.05 18.06 5.59
N GLY A 538 38.74 17.02 6.39
CA GLY A 538 37.62 17.11 7.30
C GLY A 538 37.73 18.26 8.29
N LYS A 539 38.94 18.51 8.79
CA LYS A 539 39.13 19.68 9.65
C LYS A 539 39.04 20.97 8.85
N TRP A 540 39.60 20.99 7.63
CA TRP A 540 39.55 22.21 6.84
C TRP A 540 38.13 22.63 6.53
N VAL A 541 37.24 21.66 6.28
CA VAL A 541 35.88 21.98 5.85
C VAL A 541 35.00 22.37 7.04
N GLY A 542 35.01 21.54 8.08
CA GLY A 542 34.28 21.85 9.30
C GLY A 542 34.89 23.01 10.06
N GLU A 543 35.55 23.91 9.33
CA GLU A 543 36.20 25.08 9.88
C GLU A 543 36.05 26.24 8.92
N THR A 544 36.23 25.97 7.62
CA THR A 544 36.08 26.99 6.58
C THR A 544 34.62 27.20 6.21
N TYR A 545 33.87 26.10 6.11
CA TYR A 545 32.51 26.11 5.60
C TYR A 545 31.46 25.73 6.63
N ARG A 546 31.85 25.05 7.71
CA ARG A 546 30.92 24.51 8.70
C ARG A 546 29.87 23.60 8.05
N ARG A 547 30.13 23.10 6.85
CA ARG A 547 29.40 21.98 6.27
C ARG A 547 30.10 20.68 6.63
N GLN A 548 29.38 19.58 6.50
CA GLN A 548 29.90 18.26 6.85
C GLN A 548 29.59 17.26 5.75
N PRO A 549 30.15 17.44 4.55
CA PRO A 549 30.00 16.42 3.51
C PRO A 549 30.81 15.19 3.86
N MET A 550 30.55 14.14 3.10
CA MET A 550 31.34 12.92 3.23
C MET A 550 32.71 13.13 2.60
N ILE A 551 33.75 12.72 3.34
CA ILE A 551 35.16 12.85 2.94
C ILE A 551 35.67 11.45 2.60
N VAL A 552 36.11 11.25 1.36
CA VAL A 552 36.48 9.93 0.86
C VAL A 552 37.89 9.92 0.28
N PRO A 553 38.80 9.06 0.77
CA PRO A 553 40.14 8.77 0.26
C PRO A 553 40.19 7.47 -0.55
#